data_1K6E
#
_entry.id   1K6E
#
_cell.length_a   46.410
_cell.length_b   68.330
_cell.length_c   80.980
_cell.angle_alpha   90.00
_cell.angle_beta   90.00
_cell.angle_gamma   90.00
#
_symmetry.space_group_name_H-M   'P 21 21 21'
#
loop_
_entity.id
_entity.type
_entity.pdbx_description
1 polymer 'HALOALKANE DEHALOGENASE'
2 non-polymer 'BROMIDE ION'
3 non-polymer 'CHLORIDE ION'
4 non-polymer 'MAGNESIUM ION'
5 non-polymer S-1,2-PROPANEDIOL
6 non-polymer 1-BROMOPROPANE-2-OL
7 water water
#
_entity_poly.entity_id   1
_entity_poly.type   'polypeptide(L)'
_entity_poly.pdbx_seq_one_letter_code
;SLGAKPFGEKKFIEIKGRRMAYIDEGTGDPILFQHGNPTSSYLWRNIMPHCAGLGRLIACDLIGMGDSDKLDPSGPERYA
YAEHRDYLDALWEALDLGDRVVLVVHDWGSALGFDWARRHRERVQGIAYMEAIAMPIEWADFPEQDRDLFQAFRSQAGEE
LVLQDNVFVEQVLPGLILRPLSEAEMAAYREPFLAAGEARRPTLSWPRQIPIAGTPADVVAIARDYAGWLSESPIPKLFI
NAEPGALTTGRMRDFCRTWPNQTEITVAGAHFIQEDSPDEIGAAIAAFVRRLRPA
;
_entity_poly.pdbx_strand_id   A
#
# COMPACT_ATOMS: atom_id res chain seq x y z
N SER A 1 -7.27 8.70 16.91
CA SER A 1 -7.37 10.17 16.59
C SER A 1 -6.48 10.56 15.42
N LEU A 2 -6.53 11.83 15.01
CA LEU A 2 -5.64 12.32 13.96
C LEU A 2 -4.39 12.65 14.78
N GLY A 3 -3.34 13.10 14.13
CA GLY A 3 -2.09 13.44 14.80
C GLY A 3 -0.92 13.21 13.86
N ALA A 4 0.18 13.93 14.06
CA ALA A 4 1.37 13.82 13.18
C ALA A 4 2.47 12.88 13.67
N LYS A 5 2.39 12.48 14.92
CA LYS A 5 3.42 11.62 15.47
C LYS A 5 3.47 10.21 14.89
N PRO A 6 4.67 9.69 14.62
CA PRO A 6 4.67 8.31 14.08
C PRO A 6 4.26 7.33 15.17
N PHE A 7 3.84 6.13 14.77
CA PHE A 7 3.39 5.13 15.71
C PHE A 7 4.51 4.48 16.55
N GLY A 8 5.70 4.41 16.01
CA GLY A 8 6.79 3.88 16.82
C GLY A 8 8.09 4.23 16.14
N GLU A 9 9.19 3.75 16.70
CA GLU A 9 10.48 4.00 16.10
C GLU A 9 10.77 2.83 15.16
N LYS A 10 11.49 3.11 14.09
CA LYS A 10 11.83 2.11 13.10
C LYS A 10 12.91 1.15 13.59
N LYS A 11 12.77 -0.13 13.23
CA LYS A 11 13.78 -1.13 13.52
C LYS A 11 14.33 -1.40 12.11
N PHE A 12 15.48 -2.07 12.01
CA PHE A 12 16.07 -2.34 10.70
C PHE A 12 16.51 -3.78 10.60
N ILE A 13 16.41 -4.32 9.40
CA ILE A 13 16.84 -5.70 9.12
C ILE A 13 17.62 -5.65 7.80
N GLU A 14 18.75 -6.36 7.73
CA GLU A 14 19.52 -6.39 6.50
C GLU A 14 18.90 -7.38 5.51
N ILE A 15 18.60 -6.87 4.33
CA ILE A 15 18.01 -7.67 3.28
C ILE A 15 18.82 -7.47 1.99
N LYS A 16 19.50 -8.53 1.57
CA LYS A 16 20.24 -8.52 0.32
C LYS A 16 21.26 -7.39 0.16
N GLY A 17 21.79 -6.91 1.28
CA GLY A 17 22.79 -5.85 1.27
C GLY A 17 22.23 -4.49 1.65
N ARG A 18 20.91 -4.40 1.75
CA ARG A 18 20.30 -3.12 2.08
C ARG A 18 19.59 -3.16 3.42
N ARG A 19 19.59 -2.05 4.12
CA ARG A 19 18.90 -2.06 5.38
C ARG A 19 17.44 -1.68 5.06
N MET A 20 16.47 -2.48 5.54
CA MET A 20 15.05 -2.14 5.36
C MET A 20 14.47 -1.77 6.71
N ALA A 21 13.63 -0.73 6.74
CA ALA A 21 13.04 -0.26 7.98
C ALA A 21 11.60 -0.71 8.16
N TYR A 22 11.19 -0.89 9.41
CA TYR A 22 9.81 -1.27 9.71
C TYR A 22 9.47 -0.94 11.16
N ILE A 23 8.19 -0.78 11.40
CA ILE A 23 7.69 -0.55 12.73
C ILE A 23 7.25 -1.94 13.17
N ASP A 24 7.45 -2.25 14.45
CA ASP A 24 7.07 -3.54 14.99
C ASP A 24 6.80 -3.32 16.47
N GLU A 25 5.52 -3.34 16.86
CA GLU A 25 5.16 -3.10 18.25
C GLU A 25 4.22 -4.17 18.75
N GLY A 26 4.34 -4.52 20.01
CA GLY A 26 3.43 -5.51 20.56
C GLY A 26 3.87 -6.94 20.34
N THR A 27 3.00 -7.85 20.71
CA THR A 27 3.27 -9.26 20.61
C THR A 27 2.04 -10.00 20.13
N GLY A 28 2.26 -11.22 19.65
CA GLY A 28 1.16 -12.05 19.16
C GLY A 28 1.30 -12.32 17.68
N ASP A 29 0.26 -12.86 17.07
CA ASP A 29 0.28 -13.13 15.65
C ASP A 29 0.31 -11.76 14.96
N PRO A 30 0.92 -11.70 13.79
CA PRO A 30 1.04 -10.43 13.07
C PRO A 30 -0.17 -9.79 12.43
N ILE A 31 -0.17 -8.47 12.43
CA ILE A 31 -1.20 -7.71 11.74
C ILE A 31 -0.24 -6.87 10.95
N LEU A 32 -0.19 -7.15 9.66
CA LEU A 32 0.77 -6.55 8.74
C LEU A 32 0.20 -5.46 7.85
N PHE A 33 0.58 -4.20 8.11
CA PHE A 33 0.11 -3.03 7.36
C PHE A 33 1.09 -2.66 6.25
N GLN A 34 0.65 -2.64 5.00
CA GLN A 34 1.58 -2.32 3.90
C GLN A 34 1.12 -1.15 3.06
N HIS A 35 1.92 -0.09 3.10
CA HIS A 35 1.70 1.14 2.34
C HIS A 35 2.09 0.92 0.89
N GLY A 36 1.71 1.89 0.04
CA GLY A 36 2.05 1.86 -1.37
C GLY A 36 2.78 3.14 -1.79
N ASN A 37 2.44 3.67 -2.96
CA ASN A 37 3.11 4.88 -3.47
C ASN A 37 2.36 6.16 -3.15
N PRO A 38 3.07 7.25 -2.77
CA PRO A 38 4.49 7.53 -2.53
C PRO A 38 4.61 7.60 -1.00
N THR A 39 3.97 6.66 -0.33
CA THR A 39 3.97 6.69 1.13
C THR A 39 5.01 5.80 1.83
N SER A 40 4.78 5.51 3.11
CA SER A 40 5.67 4.64 3.90
C SER A 40 4.83 4.18 5.08
N SER A 41 5.46 3.50 6.04
CA SER A 41 4.74 3.03 7.25
C SER A 41 3.96 4.17 7.97
N TYR A 42 4.40 5.41 7.77
CA TYR A 42 3.79 6.59 8.38
C TYR A 42 2.29 6.68 8.09
N LEU A 43 1.90 6.16 6.93
CA LEU A 43 0.51 6.17 6.44
C LEU A 43 -0.46 5.59 7.46
N TRP A 44 -0.01 4.57 8.17
CA TRP A 44 -0.83 3.85 9.16
C TRP A 44 -0.68 4.28 10.60
N ARG A 45 -0.01 5.38 10.86
CA ARG A 45 0.24 5.78 12.24
C ARG A 45 -0.96 5.94 13.16
N ASN A 46 -2.09 6.38 12.63
CA ASN A 46 -3.29 6.60 13.45
C ASN A 46 -4.29 5.47 13.39
N ILE A 47 -3.96 4.47 12.58
CA ILE A 47 -4.80 3.29 12.41
C ILE A 47 -4.30 2.14 13.28
N MET A 48 -2.98 1.94 13.31
CA MET A 48 -2.40 0.86 14.11
C MET A 48 -2.81 0.90 15.60
N PRO A 49 -2.92 2.10 16.22
CA PRO A 49 -3.31 2.16 17.65
C PRO A 49 -4.58 1.41 17.96
N HIS A 50 -5.52 1.42 17.03
CA HIS A 50 -6.78 0.70 17.24
C HIS A 50 -6.62 -0.80 17.49
N CYS A 51 -5.52 -1.38 17.02
CA CYS A 51 -5.26 -2.80 17.20
C CYS A 51 -4.34 -3.14 18.39
N ALA A 52 -4.15 -2.18 19.27
CA ALA A 52 -3.30 -2.38 20.45
C ALA A 52 -3.76 -3.63 21.20
N GLY A 53 -2.82 -4.52 21.51
CA GLY A 53 -3.17 -5.73 22.22
C GLY A 53 -3.75 -6.87 21.39
N LEU A 54 -3.96 -6.65 20.09
CA LEU A 54 -4.55 -7.72 19.26
C LEU A 54 -3.52 -8.56 18.50
N GLY A 55 -2.29 -8.07 18.39
CA GLY A 55 -1.26 -8.81 17.68
C GLY A 55 0.04 -8.03 17.64
N ARG A 56 1.02 -8.60 16.94
CA ARG A 56 2.30 -7.94 16.75
C ARG A 56 1.96 -6.97 15.57
N LEU A 57 1.99 -5.65 15.81
CA LEU A 57 1.65 -4.65 14.78
C LEU A 57 2.88 -4.25 14.00
N ILE A 58 2.88 -4.59 12.72
CA ILE A 58 4.03 -4.35 11.89
C ILE A 58 3.70 -3.56 10.63
N ALA A 59 4.53 -2.57 10.31
CA ALA A 59 4.37 -1.77 9.08
C ALA A 59 5.75 -1.60 8.46
N CYS A 60 5.98 -2.27 7.31
CA CYS A 60 7.25 -2.19 6.59
C CYS A 60 7.35 -1.06 5.57
N ASP A 61 8.55 -0.50 5.45
CA ASP A 61 8.83 0.54 4.46
C ASP A 61 9.42 -0.19 3.22
N LEU A 62 8.76 -0.10 2.07
CA LEU A 62 9.28 -0.74 0.86
C LEU A 62 10.68 -0.23 0.51
N ILE A 63 11.45 -1.04 -0.21
CA ILE A 63 12.82 -0.66 -0.56
C ILE A 63 12.80 0.70 -1.28
N GLY A 64 13.78 1.55 -0.93
CA GLY A 64 13.87 2.88 -1.54
C GLY A 64 12.85 3.88 -1.04
N MET A 65 12.04 3.46 -0.08
CA MET A 65 10.99 4.32 0.45
C MET A 65 11.09 4.39 1.98
N GLY A 66 10.38 5.34 2.59
CA GLY A 66 10.47 5.52 4.03
C GLY A 66 11.94 5.57 4.49
N ASP A 67 12.29 4.75 5.48
CA ASP A 67 13.66 4.74 5.94
C ASP A 67 14.46 3.53 5.43
N SER A 68 13.92 2.82 4.44
CA SER A 68 14.66 1.70 3.84
C SER A 68 15.64 2.28 2.84
N ASP A 69 16.81 1.64 2.73
CA ASP A 69 17.85 2.11 1.81
C ASP A 69 17.40 2.24 0.35
N LYS A 70 18.05 3.16 -0.34
CA LYS A 70 17.88 3.44 -1.77
C LYS A 70 18.74 2.41 -2.51
N LEU A 71 18.31 1.98 -3.70
CA LEU A 71 19.10 1.02 -4.48
C LEU A 71 20.02 1.86 -5.35
N ASP A 72 21.22 1.34 -5.64
CA ASP A 72 22.20 2.06 -6.46
C ASP A 72 23.02 0.94 -7.09
N PRO A 73 23.08 0.88 -8.43
CA PRO A 73 22.47 1.77 -9.43
C PRO A 73 20.95 1.87 -9.47
N SER A 74 20.49 3.06 -9.88
CA SER A 74 19.06 3.35 -10.00
C SER A 74 18.86 4.04 -11.36
N GLY A 75 17.70 3.82 -11.95
CA GLY A 75 17.42 4.39 -13.25
C GLY A 75 16.07 3.85 -13.68
N PRO A 76 15.69 4.04 -14.94
CA PRO A 76 14.40 3.58 -15.49
C PRO A 76 14.04 2.11 -15.24
N GLU A 77 15.04 1.25 -15.12
CA GLU A 77 14.79 -0.18 -14.91
C GLU A 77 14.70 -0.59 -13.44
N ARG A 78 14.91 0.36 -12.54
CA ARG A 78 14.92 0.04 -11.12
C ARG A 78 13.57 0.26 -10.46
N TYR A 79 13.38 -0.45 -9.35
CA TYR A 79 12.16 -0.38 -8.56
C TYR A 79 10.88 -0.83 -9.26
N ALA A 80 10.99 -1.79 -10.16
CA ALA A 80 9.80 -2.34 -10.81
C ALA A 80 9.13 -3.23 -9.74
N TYR A 81 7.92 -3.67 -10.04
CA TYR A 81 7.15 -4.50 -9.13
C TYR A 81 7.91 -5.75 -8.69
N ALA A 82 8.50 -6.48 -9.62
CA ALA A 82 9.20 -7.72 -9.25
C ALA A 82 10.37 -7.48 -8.31
N GLU A 83 11.04 -6.33 -8.45
CA GLU A 83 12.17 -6.03 -7.54
C GLU A 83 11.65 -5.70 -6.13
N HIS A 84 10.53 -4.99 -6.08
CA HIS A 84 9.94 -4.69 -4.77
C HIS A 84 9.54 -5.97 -4.05
N ARG A 85 8.98 -6.90 -4.83
CA ARG A 85 8.53 -8.18 -4.30
C ARG A 85 9.71 -9.00 -3.80
N ASP A 86 10.80 -8.96 -4.55
CA ASP A 86 11.96 -9.74 -4.14
C ASP A 86 12.44 -9.26 -2.75
N TYR A 87 12.48 -7.94 -2.56
CA TYR A 87 12.94 -7.42 -1.29
C TYR A 87 11.90 -7.66 -0.20
N LEU A 88 10.64 -7.38 -0.48
CA LEU A 88 9.58 -7.56 0.54
C LEU A 88 9.38 -9.04 0.93
N ASP A 89 9.43 -9.97 -0.03
CA ASP A 89 9.26 -11.39 0.31
C ASP A 89 10.34 -11.73 1.36
N ALA A 90 11.58 -11.31 1.09
CA ALA A 90 12.69 -11.59 2.01
C ALA A 90 12.48 -10.97 3.41
N LEU A 91 12.11 -9.69 3.45
CA LEU A 91 11.87 -9.06 4.76
C LEU A 91 10.77 -9.80 5.55
N TRP A 92 9.66 -10.10 4.89
CA TRP A 92 8.55 -10.83 5.54
C TRP A 92 9.01 -12.20 6.02
N GLU A 93 9.88 -12.85 5.26
CA GLU A 93 10.42 -14.14 5.71
C GLU A 93 11.28 -13.90 6.97
N ALA A 94 12.15 -12.89 6.91
CA ALA A 94 13.04 -12.54 8.02
C ALA A 94 12.27 -12.17 9.28
N LEU A 95 11.06 -11.63 9.14
CA LEU A 95 10.28 -11.24 10.32
C LEU A 95 9.67 -12.38 11.14
N ASP A 96 9.72 -13.62 10.64
CA ASP A 96 9.25 -14.81 11.35
C ASP A 96 7.78 -14.60 11.71
N LEU A 97 6.94 -14.49 10.68
CA LEU A 97 5.52 -14.20 10.86
C LEU A 97 4.60 -15.34 11.26
N GLY A 98 5.00 -16.58 11.01
CA GLY A 98 4.13 -17.68 11.35
C GLY A 98 3.02 -17.82 10.31
N ASP A 99 1.96 -18.53 10.69
CA ASP A 99 0.88 -18.82 9.76
C ASP A 99 -0.49 -18.23 9.99
N ARG A 100 -0.59 -17.18 10.82
CA ARG A 100 -1.90 -16.54 11.05
C ARG A 100 -1.74 -15.03 10.87
N VAL A 101 -1.34 -14.63 9.65
CA VAL A 101 -1.11 -13.22 9.35
C VAL A 101 -2.35 -12.48 8.86
N VAL A 102 -2.63 -11.31 9.42
CA VAL A 102 -3.75 -10.55 8.91
C VAL A 102 -3.08 -9.43 8.12
N LEU A 103 -3.36 -9.38 6.83
CA LEU A 103 -2.81 -8.33 5.96
C LEU A 103 -3.74 -7.11 5.92
N VAL A 104 -3.17 -5.90 6.04
CA VAL A 104 -3.97 -4.66 5.95
C VAL A 104 -3.23 -3.93 4.84
N VAL A 105 -3.90 -3.71 3.71
CA VAL A 105 -3.16 -3.17 2.57
C VAL A 105 -3.80 -2.03 1.79
N HIS A 106 -2.94 -1.30 1.08
CA HIS A 106 -3.34 -0.14 0.30
C HIS A 106 -2.52 0.07 -0.98
N ASP A 107 -3.16 0.46 -2.10
CA ASP A 107 -2.39 0.83 -3.32
C ASP A 107 -1.39 -0.29 -3.72
N TRP A 108 -0.12 0.04 -3.94
CA TRP A 108 0.85 -0.99 -4.30
C TRP A 108 1.07 -2.00 -3.16
N GLY A 109 0.74 -1.61 -1.94
CA GLY A 109 0.86 -2.54 -0.83
C GLY A 109 -0.19 -3.65 -1.02
N SER A 110 -1.33 -3.33 -1.66
CA SER A 110 -2.33 -4.36 -1.90
C SER A 110 -1.87 -5.27 -3.05
N ALA A 111 -1.31 -4.72 -4.13
CA ALA A 111 -0.83 -5.60 -5.21
C ALA A 111 0.23 -6.54 -4.60
N LEU A 112 1.17 -6.00 -3.83
CA LEU A 112 2.20 -6.86 -3.21
C LEU A 112 1.58 -7.83 -2.20
N GLY A 113 0.66 -7.33 -1.39
CA GLY A 113 0.04 -8.19 -0.39
C GLY A 113 -0.83 -9.29 -0.98
N PHE A 114 -1.65 -8.97 -1.99
CA PHE A 114 -2.52 -9.95 -2.63
C PHE A 114 -1.69 -11.07 -3.29
N ASP A 115 -0.61 -10.66 -3.92
CA ASP A 115 0.29 -11.59 -4.61
C ASP A 115 0.92 -12.53 -3.55
N TRP A 116 1.44 -11.96 -2.47
CA TRP A 116 2.04 -12.78 -1.42
C TRP A 116 0.98 -13.79 -0.85
N ALA A 117 -0.24 -13.33 -0.62
CA ALA A 117 -1.31 -14.19 -0.09
C ALA A 117 -1.63 -15.34 -1.04
N ARG A 118 -1.75 -15.04 -2.35
CA ARG A 118 -2.02 -16.12 -3.30
C ARG A 118 -0.93 -17.19 -3.14
N ARG A 119 0.31 -16.76 -2.93
CA ARG A 119 1.43 -17.69 -2.80
C ARG A 119 1.68 -18.31 -1.44
N HIS A 120 1.00 -17.82 -0.42
CA HIS A 120 1.15 -18.32 0.95
C HIS A 120 -0.24 -18.36 1.59
N ARG A 121 -1.21 -18.87 0.85
CA ARG A 121 -2.58 -18.87 1.31
C ARG A 121 -2.84 -19.47 2.68
N GLU A 122 -2.13 -20.54 3.04
CA GLU A 122 -2.35 -21.14 4.36
C GLU A 122 -1.85 -20.29 5.53
N ARG A 123 -1.06 -19.27 5.24
CA ARG A 123 -0.52 -18.43 6.29
C ARG A 123 -1.29 -17.13 6.45
N VAL A 124 -2.40 -16.99 5.72
CA VAL A 124 -3.17 -15.76 5.79
C VAL A 124 -4.53 -15.94 6.47
N GLN A 125 -4.64 -15.35 7.67
CA GLN A 125 -5.84 -15.41 8.49
C GLN A 125 -6.97 -14.47 7.99
N GLY A 126 -6.58 -13.32 7.45
CA GLY A 126 -7.59 -12.41 6.94
C GLY A 126 -6.94 -11.31 6.15
N ILE A 127 -7.71 -10.67 5.28
CA ILE A 127 -7.19 -9.57 4.46
C ILE A 127 -8.13 -8.37 4.52
N ALA A 128 -7.61 -7.23 4.95
CA ALA A 128 -8.35 -5.95 4.99
C ALA A 128 -7.68 -5.12 3.89
N TYR A 129 -8.46 -4.58 2.97
CA TYR A 129 -7.91 -3.82 1.85
C TYR A 129 -8.71 -2.55 1.59
N MET A 130 -8.07 -1.56 0.98
CA MET A 130 -8.75 -0.31 0.68
C MET A 130 -7.99 0.38 -0.46
N GLU A 131 -8.72 1.04 -1.36
CA GLU A 131 -8.11 1.76 -2.46
C GLU A 131 -6.94 0.96 -3.01
N ALA A 132 -7.29 -0.25 -3.42
CA ALA A 132 -6.39 -1.27 -3.92
C ALA A 132 -6.33 -1.42 -5.42
N ILE A 133 -5.31 -2.15 -5.87
CA ILE A 133 -5.15 -2.47 -7.27
C ILE A 133 -5.66 -3.93 -7.31
N ALA A 134 -6.97 -4.10 -7.29
CA ALA A 134 -7.55 -5.42 -7.20
C ALA A 134 -7.65 -6.27 -8.48
N MET A 135 -7.33 -5.67 -9.63
CA MET A 135 -7.40 -6.37 -10.92
C MET A 135 -6.81 -5.45 -11.98
N PRO A 136 -6.45 -6.00 -13.15
CA PRO A 136 -5.88 -5.17 -14.23
C PRO A 136 -7.06 -4.27 -14.63
N ILE A 137 -6.77 -3.03 -15.08
CA ILE A 137 -7.85 -2.11 -15.48
C ILE A 137 -7.60 -1.50 -16.87
N GLU A 138 -8.53 -0.64 -17.29
CA GLU A 138 -8.43 0.08 -18.56
C GLU A 138 -8.38 1.54 -18.16
N TRP A 139 -7.98 2.40 -19.08
CA TRP A 139 -7.94 3.82 -18.78
C TRP A 139 -9.31 4.31 -18.40
N ALA A 140 -10.33 3.73 -19.02
CA ALA A 140 -11.71 4.12 -18.73
C ALA A 140 -12.07 3.88 -17.26
N ASP A 141 -11.32 2.99 -16.60
CA ASP A 141 -11.54 2.67 -15.17
C ASP A 141 -10.74 3.55 -14.22
N PHE A 142 -9.80 4.31 -14.77
CA PHE A 142 -8.93 5.17 -13.97
C PHE A 142 -9.66 6.45 -13.62
N PRO A 143 -9.39 7.01 -12.42
CA PRO A 143 -10.06 8.25 -12.04
C PRO A 143 -9.82 9.34 -13.09
N GLU A 144 -10.92 9.89 -13.59
CA GLU A 144 -10.86 10.92 -14.63
C GLU A 144 -9.93 12.09 -14.32
N GLN A 145 -9.98 12.58 -13.09
CA GLN A 145 -9.20 13.73 -12.68
C GLN A 145 -7.67 13.60 -12.87
N ASP A 146 -7.11 12.40 -12.72
CA ASP A 146 -5.65 12.30 -12.89
C ASP A 146 -5.19 11.46 -14.05
N ARG A 147 -6.12 11.12 -14.91
CA ARG A 147 -5.79 10.30 -16.07
C ARG A 147 -4.66 10.87 -16.93
N ASP A 148 -4.75 12.15 -17.25
CA ASP A 148 -3.71 12.75 -18.08
C ASP A 148 -2.37 12.77 -17.35
N LEU A 149 -2.39 13.09 -16.05
CA LEU A 149 -1.12 13.15 -15.31
C LEU A 149 -0.48 11.77 -15.23
N PHE A 150 -1.28 10.75 -14.98
CA PHE A 150 -0.70 9.43 -14.93
C PHE A 150 -0.24 8.96 -16.33
N GLN A 151 -0.94 9.33 -17.40
CA GLN A 151 -0.42 8.95 -18.72
C GLN A 151 0.95 9.66 -18.89
N ALA A 152 1.06 10.88 -18.38
CA ALA A 152 2.31 11.65 -18.43
C ALA A 152 3.44 10.95 -17.63
N PHE A 153 3.13 10.46 -16.43
CA PHE A 153 4.17 9.77 -15.64
C PHE A 153 4.66 8.54 -16.44
N ARG A 154 3.75 7.91 -17.19
CA ARG A 154 4.12 6.71 -17.93
C ARG A 154 4.82 7.00 -19.24
N SER A 155 4.88 8.28 -19.60
CA SER A 155 5.58 8.69 -20.81
C SER A 155 6.98 9.14 -20.36
N GLN A 156 7.78 9.56 -21.33
CA GLN A 156 9.11 10.09 -21.05
C GLN A 156 9.08 11.42 -20.27
N ALA A 157 7.89 12.01 -20.11
CA ALA A 157 7.75 13.24 -19.33
C ALA A 157 7.92 12.93 -17.82
N GLY A 158 7.78 11.66 -17.46
CA GLY A 158 7.87 11.26 -16.06
C GLY A 158 9.13 11.64 -15.32
N GLU A 159 10.29 11.54 -15.96
CA GLU A 159 11.52 11.89 -15.28
C GLU A 159 11.51 13.34 -14.82
N GLU A 160 11.10 14.26 -15.70
CA GLU A 160 11.02 15.65 -15.26
C GLU A 160 9.94 15.86 -14.19
N LEU A 161 8.78 15.27 -14.40
CA LEU A 161 7.68 15.48 -13.47
C LEU A 161 8.00 14.98 -12.07
N VAL A 162 8.65 13.83 -12.00
CA VAL A 162 8.94 13.22 -10.72
C VAL A 162 10.35 13.38 -10.19
N LEU A 163 11.36 13.01 -10.97
CA LEU A 163 12.73 13.13 -10.46
C LEU A 163 13.11 14.59 -10.20
N GLN A 164 12.62 15.48 -11.06
CA GLN A 164 12.96 16.89 -10.90
C GLN A 164 11.94 17.69 -10.08
N ASP A 165 10.65 17.62 -10.45
CA ASP A 165 9.59 18.38 -9.77
C ASP A 165 8.88 17.68 -8.61
N ASN A 166 9.12 16.37 -8.43
CA ASN A 166 8.57 15.60 -7.30
C ASN A 166 7.03 15.67 -7.23
N VAL A 167 6.39 15.71 -8.39
CA VAL A 167 4.95 15.83 -8.47
C VAL A 167 4.06 14.76 -7.79
N PHE A 168 4.58 13.55 -7.63
CA PHE A 168 3.75 12.55 -7.01
C PHE A 168 3.60 12.91 -5.55
N VAL A 169 4.72 13.23 -4.91
CA VAL A 169 4.73 13.62 -3.50
C VAL A 169 4.05 14.99 -3.25
N GLU A 170 4.39 15.98 -4.06
CA GLU A 170 3.89 17.33 -3.87
C GLU A 170 2.52 17.65 -4.38
N GLN A 171 2.03 16.91 -5.35
CA GLN A 171 0.73 17.24 -5.86
C GLN A 171 -0.28 16.09 -5.77
N VAL A 172 0.08 14.90 -6.24
CA VAL A 172 -0.86 13.77 -6.22
C VAL A 172 -1.25 13.35 -4.79
N LEU A 173 -0.27 13.30 -3.90
CA LEU A 173 -0.52 12.88 -2.52
C LEU A 173 -1.53 13.81 -1.83
N PRO A 174 -1.17 15.10 -1.66
CA PRO A 174 -2.13 15.97 -1.00
C PRO A 174 -3.41 16.17 -1.82
N GLY A 175 -3.31 16.03 -3.14
CA GLY A 175 -4.48 16.17 -3.99
C GLY A 175 -5.49 15.04 -3.79
N LEU A 176 -5.08 13.92 -3.19
CA LEU A 176 -5.97 12.79 -2.98
C LEU A 176 -6.28 12.50 -1.51
N ILE A 177 -6.13 13.56 -0.70
CA ILE A 177 -6.49 13.54 0.70
C ILE A 177 -7.48 14.70 0.80
N LEU A 178 -8.66 14.47 1.38
CA LEU A 178 -9.65 15.54 1.47
C LEU A 178 -9.25 16.71 2.35
N ARG A 179 -8.68 16.42 3.52
CA ARG A 179 -8.23 17.52 4.41
C ARG A 179 -6.80 18.04 4.17
N PRO A 180 -6.56 19.30 4.53
CA PRO A 180 -5.22 19.87 4.34
C PRO A 180 -4.29 19.22 5.37
N LEU A 181 -3.07 18.86 4.96
CA LEU A 181 -2.11 18.26 5.89
C LEU A 181 -1.27 19.34 6.59
N SER A 182 -0.79 19.06 7.81
CA SER A 182 0.07 20.01 8.52
C SER A 182 1.44 19.89 7.89
N GLU A 183 2.34 20.81 8.23
CA GLU A 183 3.69 20.77 7.70
C GLU A 183 4.38 19.48 8.18
N ALA A 184 4.16 19.11 9.44
CA ALA A 184 4.80 17.91 9.98
C ALA A 184 4.35 16.67 9.19
N GLU A 185 3.07 16.60 8.88
CA GLU A 185 2.60 15.44 8.12
C GLU A 185 3.23 15.46 6.73
N MET A 186 3.24 16.61 6.08
CA MET A 186 3.82 16.68 4.74
C MET A 186 5.33 16.43 4.81
N ALA A 187 5.96 16.88 5.89
CA ALA A 187 7.39 16.67 6.04
C ALA A 187 7.68 15.17 6.13
N ALA A 188 6.79 14.41 6.77
CA ALA A 188 6.99 12.96 6.93
C ALA A 188 6.93 12.21 5.60
N TYR A 189 6.07 12.69 4.70
CA TYR A 189 5.94 12.06 3.39
C TYR A 189 7.05 12.54 2.44
N ARG A 190 7.46 13.80 2.56
CA ARG A 190 8.54 14.30 1.72
C ARG A 190 9.89 13.75 2.12
N GLU A 191 10.04 13.41 3.39
CA GLU A 191 11.40 13.05 3.89
C GLU A 191 12.26 12.08 3.03
N PRO A 192 11.72 10.92 2.64
CA PRO A 192 12.53 10.00 1.83
C PRO A 192 12.83 10.52 0.42
N PHE A 193 12.10 11.56 0.02
CA PHE A 193 12.22 12.07 -1.33
C PHE A 193 12.65 13.52 -1.47
N LEU A 194 13.30 14.04 -0.42
CA LEU A 194 13.80 15.40 -0.42
C LEU A 194 14.80 15.69 -1.54
N ALA A 195 15.63 14.72 -1.88
CA ALA A 195 16.68 14.87 -2.88
C ALA A 195 16.23 14.66 -4.33
N ALA A 196 16.58 15.62 -5.16
CA ALA A 196 16.26 15.56 -6.56
C ALA A 196 16.98 14.36 -7.17
N GLY A 197 16.43 13.81 -8.24
CA GLY A 197 17.09 12.70 -8.88
C GLY A 197 16.62 11.29 -8.53
N GLU A 198 17.55 10.32 -8.60
CA GLU A 198 17.21 8.91 -8.36
C GLU A 198 16.56 8.56 -7.02
N ALA A 199 16.78 9.39 -6.00
CA ALA A 199 16.16 9.13 -4.71
C ALA A 199 14.62 9.06 -4.86
N ARG A 200 14.08 9.76 -5.85
CA ARG A 200 12.63 9.82 -6.10
C ARG A 200 12.13 8.78 -7.10
N ARG A 201 13.06 8.03 -7.69
CA ARG A 201 12.70 7.02 -8.69
C ARG A 201 11.59 6.05 -8.29
N PRO A 202 11.52 5.63 -7.03
CA PRO A 202 10.43 4.71 -6.68
C PRO A 202 9.05 5.31 -6.99
N THR A 203 8.89 6.61 -6.73
CA THR A 203 7.61 7.24 -6.97
C THR A 203 7.27 7.42 -8.44
N LEU A 204 8.25 7.19 -9.32
CA LEU A 204 8.04 7.26 -10.79
C LEU A 204 7.92 5.83 -11.32
N SER A 205 8.71 4.91 -10.79
CA SER A 205 8.61 3.53 -11.29
C SER A 205 7.25 2.95 -10.94
N TRP A 206 6.68 3.33 -9.79
CA TRP A 206 5.37 2.77 -9.43
C TRP A 206 4.23 3.06 -10.43
N PRO A 207 4.00 4.34 -10.81
CA PRO A 207 2.88 4.51 -11.77
C PRO A 207 3.12 3.79 -13.11
N ARG A 208 4.39 3.59 -13.45
CA ARG A 208 4.74 2.90 -14.67
C ARG A 208 4.47 1.39 -14.59
N GLN A 209 4.13 0.90 -13.39
CA GLN A 209 3.83 -0.51 -13.16
C GLN A 209 2.32 -0.82 -13.12
N ILE A 210 1.47 0.21 -12.96
CA ILE A 210 0.02 -0.04 -12.86
C ILE A 210 -0.45 -0.82 -14.07
N PRO A 211 -1.18 -1.92 -13.85
CA PRO A 211 -1.67 -2.73 -14.96
C PRO A 211 -2.87 -2.11 -15.66
N ILE A 212 -2.57 -1.32 -16.70
CA ILE A 212 -3.58 -0.60 -17.47
C ILE A 212 -3.51 -0.90 -18.96
N ALA A 213 -4.65 -1.22 -19.53
CA ALA A 213 -4.74 -1.53 -20.95
C ALA A 213 -3.70 -2.57 -21.36
N GLY A 214 -3.47 -3.56 -20.48
CA GLY A 214 -2.54 -4.63 -20.80
C GLY A 214 -1.05 -4.38 -20.67
N THR A 215 -0.64 -3.21 -20.19
CA THR A 215 0.79 -2.90 -20.05
C THR A 215 1.05 -2.31 -18.68
N PRO A 216 2.15 -2.68 -18.03
CA PRO A 216 3.16 -3.65 -18.50
C PRO A 216 2.60 -5.05 -18.40
N ALA A 217 2.81 -5.85 -19.45
CA ALA A 217 2.28 -7.21 -19.50
C ALA A 217 2.60 -8.07 -18.30
N ASP A 218 3.80 -7.93 -17.76
CA ASP A 218 4.15 -8.76 -16.64
C ASP A 218 3.30 -8.46 -15.38
N VAL A 219 3.12 -7.20 -15.02
CA VAL A 219 2.31 -6.89 -13.84
C VAL A 219 0.83 -7.21 -14.16
N VAL A 220 0.40 -7.02 -15.40
CA VAL A 220 -1.00 -7.37 -15.76
C VAL A 220 -1.19 -8.86 -15.46
N ALA A 221 -0.22 -9.70 -15.83
CA ALA A 221 -0.36 -11.13 -15.57
C ALA A 221 -0.43 -11.44 -14.07
N ILE A 222 0.38 -10.75 -13.28
CA ILE A 222 0.37 -10.98 -11.83
C ILE A 222 -0.99 -10.59 -11.19
N ALA A 223 -1.51 -9.43 -11.54
CA ALA A 223 -2.78 -8.95 -11.01
C ALA A 223 -3.93 -9.86 -11.47
N ARG A 224 -3.87 -10.31 -12.71
CA ARG A 224 -4.89 -11.25 -13.20
C ARG A 224 -4.93 -12.52 -12.29
N ASP A 225 -3.74 -13.00 -11.92
CA ASP A 225 -3.61 -14.19 -11.07
C ASP A 225 -4.18 -13.97 -9.68
N TYR A 226 -3.81 -12.87 -9.01
CA TYR A 226 -4.36 -12.68 -7.68
C TYR A 226 -5.83 -12.27 -7.74
N ALA A 227 -6.28 -11.61 -8.81
CA ALA A 227 -7.71 -11.24 -8.90
C ALA A 227 -8.55 -12.53 -9.00
N GLY A 228 -8.12 -13.44 -9.86
CA GLY A 228 -8.83 -14.69 -10.05
C GLY A 228 -8.89 -15.48 -8.77
N TRP A 229 -7.79 -15.46 -8.02
CA TRP A 229 -7.70 -16.19 -6.76
C TRP A 229 -8.59 -15.59 -5.64
N LEU A 230 -8.49 -14.28 -5.44
CA LEU A 230 -9.28 -13.60 -4.40
C LEU A 230 -10.77 -13.79 -4.63
N SER A 231 -11.19 -13.70 -5.89
CA SER A 231 -12.59 -13.85 -6.21
C SER A 231 -13.12 -15.21 -5.81
N GLU A 232 -12.23 -16.15 -5.57
CA GLU A 232 -12.66 -17.50 -5.17
C GLU A 232 -12.19 -17.97 -3.77
N SER A 233 -11.39 -17.14 -3.11
CA SER A 233 -10.83 -17.52 -1.82
C SER A 233 -11.78 -17.38 -0.63
N PRO A 234 -11.85 -18.40 0.21
CA PRO A 234 -12.71 -18.43 1.41
C PRO A 234 -12.10 -17.62 2.56
N ILE A 235 -10.90 -17.10 2.36
CA ILE A 235 -10.27 -16.34 3.43
C ILE A 235 -11.13 -15.10 3.77
N PRO A 236 -11.34 -14.86 5.07
CA PRO A 236 -12.13 -13.72 5.53
C PRO A 236 -11.56 -12.40 4.97
N LYS A 237 -12.44 -11.51 4.52
CA LYS A 237 -11.98 -10.23 3.99
C LYS A 237 -12.73 -9.04 4.55
N LEU A 238 -12.06 -7.90 4.61
CA LEU A 238 -12.67 -6.65 5.07
C LEU A 238 -12.40 -5.62 3.97
N PHE A 239 -13.46 -5.21 3.29
CA PHE A 239 -13.32 -4.24 2.22
C PHE A 239 -13.64 -2.89 2.80
N ILE A 240 -12.62 -2.06 2.93
CA ILE A 240 -12.81 -0.72 3.44
C ILE A 240 -12.97 0.18 2.23
N ASN A 241 -14.23 0.38 1.84
CA ASN A 241 -14.63 1.21 0.71
C ASN A 241 -14.53 2.69 1.08
N ALA A 242 -14.42 3.54 0.07
CA ALA A 242 -14.31 4.97 0.30
C ALA A 242 -15.21 5.73 -0.64
N GLU A 243 -15.63 6.91 -0.17
CA GLU A 243 -16.49 7.82 -0.91
C GLU A 243 -15.84 9.20 -0.76
N PRO A 244 -15.53 9.87 -1.88
CA PRO A 244 -15.75 9.42 -3.27
C PRO A 244 -14.82 8.31 -3.74
N GLY A 245 -13.74 8.07 -3.00
CA GLY A 245 -12.77 7.05 -3.38
C GLY A 245 -12.02 7.52 -4.63
N ALA A 246 -11.25 6.63 -5.25
CA ALA A 246 -10.53 6.99 -6.43
C ALA A 246 -10.29 5.79 -7.33
N LEU A 247 -9.44 4.88 -6.88
CA LEU A 247 -9.12 3.70 -7.65
C LEU A 247 -10.17 2.59 -7.51
N THR A 248 -10.61 2.35 -6.28
CA THR A 248 -11.54 1.25 -6.06
C THR A 248 -12.97 1.76 -6.14
N THR A 249 -13.36 2.07 -7.37
CA THR A 249 -14.67 2.59 -7.69
C THR A 249 -15.10 1.90 -9.00
N GLY A 250 -16.28 2.23 -9.48
CA GLY A 250 -16.75 1.64 -10.74
C GLY A 250 -16.56 0.14 -10.89
N ARG A 251 -16.03 -0.28 -12.03
CA ARG A 251 -15.81 -1.68 -12.33
C ARG A 251 -15.04 -2.45 -11.26
N MET A 252 -13.93 -1.88 -10.79
CA MET A 252 -13.14 -2.57 -9.79
C MET A 252 -13.89 -2.75 -8.47
N ARG A 253 -14.65 -1.72 -8.07
CA ARG A 253 -15.41 -1.82 -6.83
C ARG A 253 -16.50 -2.90 -7.01
N ASP A 254 -17.14 -2.92 -8.18
CA ASP A 254 -18.17 -3.97 -8.43
C ASP A 254 -17.53 -5.36 -8.31
N PHE A 255 -16.33 -5.54 -8.86
CA PHE A 255 -15.65 -6.84 -8.80
C PHE A 255 -15.32 -7.20 -7.31
N CYS A 256 -14.77 -6.26 -6.55
CA CYS A 256 -14.46 -6.51 -5.15
C CYS A 256 -15.71 -6.91 -4.37
N ARG A 257 -16.86 -6.35 -4.74
CA ARG A 257 -18.09 -6.70 -4.04
C ARG A 257 -18.56 -8.12 -4.32
N THR A 258 -17.94 -8.78 -5.29
CA THR A 258 -18.31 -10.18 -5.55
C THR A 258 -17.42 -11.10 -4.72
N TRP A 259 -16.38 -10.58 -4.06
CA TRP A 259 -15.48 -11.48 -3.30
C TRP A 259 -16.17 -12.16 -2.12
N PRO A 260 -15.89 -13.44 -1.92
CA PRO A 260 -16.55 -14.14 -0.81
C PRO A 260 -16.06 -13.92 0.61
N ASN A 261 -16.95 -14.19 1.57
CA ASN A 261 -16.63 -14.10 3.02
C ASN A 261 -16.05 -12.74 3.36
N GLN A 262 -16.74 -11.71 2.91
CA GLN A 262 -16.26 -10.35 3.07
C GLN A 262 -17.24 -9.44 3.79
N THR A 263 -16.69 -8.54 4.60
CA THR A 263 -17.45 -7.57 5.34
C THR A 263 -17.06 -6.24 4.69
N GLU A 264 -17.96 -5.28 4.70
CA GLU A 264 -17.63 -4.00 4.09
C GLU A 264 -18.05 -2.81 4.93
N ILE A 265 -17.30 -1.73 4.84
CA ILE A 265 -17.70 -0.46 5.47
C ILE A 265 -17.23 0.60 4.49
N THR A 266 -17.81 1.80 4.57
CA THR A 266 -17.44 2.90 3.71
C THR A 266 -17.00 4.10 4.55
N VAL A 267 -15.86 4.68 4.20
CA VAL A 267 -15.38 5.83 4.93
C VAL A 267 -15.19 6.97 3.95
N ALA A 268 -15.10 8.18 4.48
CA ALA A 268 -14.89 9.37 3.67
C ALA A 268 -13.42 9.41 3.24
N GLY A 269 -13.18 9.69 1.96
CA GLY A 269 -11.82 9.78 1.42
C GLY A 269 -11.74 9.61 -0.09
N ALA A 270 -10.59 9.98 -0.64
CA ALA A 270 -10.33 9.88 -2.06
C ALA A 270 -9.40 8.65 -2.22
N HIS A 271 -8.09 8.84 -2.31
CA HIS A 271 -7.21 7.68 -2.42
C HIS A 271 -6.46 7.36 -1.12
N PHE A 272 -5.88 8.39 -0.50
CA PHE A 272 -5.10 8.17 0.74
C PHE A 272 -5.98 8.35 1.93
N ILE A 273 -7.00 7.50 1.98
CA ILE A 273 -8.04 7.56 2.99
C ILE A 273 -7.63 7.45 4.44
N GLN A 274 -6.43 6.96 4.68
CA GLN A 274 -5.94 6.83 6.04
C GLN A 274 -5.77 8.21 6.66
N GLU A 275 -5.61 9.25 5.82
CA GLU A 275 -5.42 10.62 6.34
C GLU A 275 -6.73 11.34 6.62
N ASP A 276 -7.83 10.78 6.10
CA ASP A 276 -9.12 11.40 6.31
C ASP A 276 -9.98 10.74 7.36
N SER A 277 -9.98 9.42 7.39
CA SER A 277 -10.83 8.67 8.30
C SER A 277 -10.06 7.58 9.06
N PRO A 278 -8.94 7.94 9.71
CA PRO A 278 -8.19 6.91 10.43
C PRO A 278 -8.89 6.14 11.53
N ASP A 279 -9.71 6.82 12.33
CA ASP A 279 -10.37 6.11 13.41
C ASP A 279 -11.46 5.21 12.89
N GLU A 280 -12.13 5.58 11.81
CA GLU A 280 -13.19 4.69 11.33
C GLU A 280 -12.55 3.43 10.72
N ILE A 281 -11.42 3.61 10.05
CA ILE A 281 -10.69 2.50 9.46
C ILE A 281 -10.12 1.60 10.55
N GLY A 282 -9.45 2.21 11.52
CA GLY A 282 -8.85 1.43 12.60
C GLY A 282 -9.89 0.64 13.38
N ALA A 283 -11.01 1.28 13.71
CA ALA A 283 -12.05 0.58 14.46
C ALA A 283 -12.58 -0.65 13.72
N ALA A 284 -12.79 -0.54 12.40
CA ALA A 284 -13.32 -1.68 11.66
C ALA A 284 -12.28 -2.81 11.57
N ILE A 285 -11.00 -2.43 11.40
CA ILE A 285 -9.92 -3.44 11.34
C ILE A 285 -9.85 -4.14 12.70
N ALA A 286 -9.89 -3.38 13.80
CA ALA A 286 -9.87 -3.98 15.14
C ALA A 286 -11.06 -4.93 15.29
N ALA A 287 -12.26 -4.50 14.88
CA ALA A 287 -13.45 -5.37 15.02
C ALA A 287 -13.25 -6.67 14.19
N PHE A 288 -12.73 -6.53 12.98
CA PHE A 288 -12.43 -7.66 12.10
C PHE A 288 -11.43 -8.62 12.79
N VAL A 289 -10.35 -8.08 13.36
CA VAL A 289 -9.36 -8.96 14.00
C VAL A 289 -9.95 -9.67 15.24
N ARG A 290 -10.80 -8.99 15.99
CA ARG A 290 -11.39 -9.60 17.19
C ARG A 290 -12.25 -10.78 16.80
N ARG A 291 -12.88 -10.66 15.65
CA ARG A 291 -13.73 -11.73 15.10
C ARG A 291 -12.81 -12.91 14.72
N LEU A 292 -11.67 -12.61 14.11
CA LEU A 292 -10.74 -13.64 13.68
C LEU A 292 -9.94 -14.29 14.83
N ARG A 293 -9.77 -13.55 15.92
CA ARG A 293 -8.99 -14.03 17.05
C ARG A 293 -9.84 -13.93 18.34
N PRO A 294 -10.94 -14.70 18.43
CA PRO A 294 -11.81 -14.66 19.62
C PRO A 294 -11.07 -14.89 20.95
N ALA A 295 -11.07 -13.85 21.79
CA ALA A 295 -10.35 -13.93 23.06
C ALA A 295 -11.21 -14.40 24.20
#